data_5KLT
#
_entry.id   5KLT
#
_cell.length_a   78.890
_cell.length_b   89.550
_cell.length_c   99.769
_cell.angle_alpha   90.000
_cell.angle_beta   90.000
_cell.angle_gamma   90.000
#
_symmetry.space_group_name_H-M   'P 21 21 21'
#
loop_
_entity.id
_entity.type
_entity.pdbx_description
1 polymer 'Importin subunit alpha-1'
2 polymer 'Prototypical P4[M]cNLS'
#
loop_
_entity_poly.entity_id
_entity_poly.type
_entity_poly.pdbx_seq_one_letter_code
_entity_poly.pdbx_strand_id
1 'polypeptide(L)'
;MHHHHHHSSGLVPRGSGMLETAAALFERNHMDSPDLGTDDDDLAMADIGSNQGTVNWSVEDIVKGINSNNLESQLQATQA
ARKLLSREKQPPIDNIIRAGLIPKFVSFLGKTDCSPIQFESAWALTNIASGTSEQTKAVVDGGAIPAFISLLASPHAHIS
EQAVWALGNIAGDGSAFRDLVIKHGAIDPLLALLAVPDLSTLACGYLRNLTWTLSNLCRNKNPAPPLDAVEQILPTLVRL
LHHNDPEVLADSCWAISYLTDGPNERIEMVVKKGVVPQLVKLLGATELPIVTPALRAIGNIVTGTDEQTQKVIDAGALAV
FPSLLTNPKTNIQKEATWTMSNITAGRQDQIQQVVNHGLVPFLVGVLSKADFKTQKEAAWAITNYTSGGTVEQIVYLVHC
GIIEPLMNLLSAKDTKIIQVILDAISNIFQAAEKLGETEKLSIMIEECGGLDKIEALQRHENESVYKASLNLIEKYFSVE
EEEDQNVVPETTSEGFAFQVQDGAPGTFNF
;
B
2 'polypeptide(L)' SKKAGFPAKKMKVEAA A
#
# COMPACT_ATOMS: atom_id res chain seq x y z
N GLY A 53 11.97 -21.25 -35.27
CA GLY A 53 11.84 -22.55 -34.63
C GLY A 53 10.50 -22.71 -33.94
N THR A 54 10.35 -22.05 -32.80
CA THR A 54 9.12 -22.06 -32.02
C THR A 54 8.48 -20.67 -31.96
N VAL A 55 8.69 -19.87 -33.00
CA VAL A 55 8.21 -18.48 -33.03
C VAL A 55 6.92 -18.44 -33.86
N ASN A 56 5.87 -17.91 -33.26
CA ASN A 56 4.61 -17.61 -33.96
C ASN A 56 3.96 -18.88 -34.52
N TRP A 57 3.89 -19.91 -33.67
CA TRP A 57 3.05 -21.06 -33.99
C TRP A 57 1.57 -20.66 -33.93
N SER A 58 0.75 -21.45 -34.60
CA SER A 58 -0.69 -21.37 -34.41
C SER A 58 -1.10 -22.21 -33.22
N VAL A 59 -2.25 -21.87 -32.64
CA VAL A 59 -2.74 -22.67 -31.52
C VAL A 59 -3.01 -24.09 -31.97
N GLU A 60 -3.41 -24.30 -33.22
CA GLU A 60 -3.70 -25.64 -33.69
C GLU A 60 -2.43 -26.48 -33.81
N ASP A 61 -1.32 -25.86 -34.23
CA ASP A 61 -0.04 -26.56 -34.26
C ASP A 61 0.41 -26.92 -32.85
N ILE A 62 0.24 -26.00 -31.90
CA ILE A 62 0.59 -26.28 -30.51
C ILE A 62 -0.23 -27.46 -30.00
N VAL A 63 -1.54 -27.44 -30.26
CA VAL A 63 -2.38 -28.55 -29.83
C VAL A 63 -1.94 -29.85 -30.47
N LYS A 64 -1.56 -29.80 -31.75
CA LYS A 64 -1.16 -31.01 -32.44
C LYS A 64 0.13 -31.58 -31.85
N GLY A 65 1.05 -30.71 -31.45
CA GLY A 65 2.31 -31.15 -30.87
C GLY A 65 2.16 -31.66 -29.45
N ILE A 66 1.31 -31.00 -28.66
CA ILE A 66 1.10 -31.42 -27.28
C ILE A 66 0.33 -32.73 -27.23
N ASN A 67 -0.58 -32.95 -28.18
CA ASN A 67 -1.34 -34.19 -28.22
C ASN A 67 -0.59 -35.34 -28.88
N SER A 68 0.64 -35.11 -29.35
CA SER A 68 1.45 -36.20 -29.86
C SER A 68 1.96 -37.06 -28.71
N ASN A 69 2.37 -38.28 -29.04
CA ASN A 69 2.93 -39.20 -28.06
C ASN A 69 4.46 -39.09 -27.98
N ASN A 70 5.00 -37.91 -28.28
CA ASN A 70 6.44 -37.71 -28.35
C ASN A 70 6.82 -36.60 -27.37
N LEU A 71 7.50 -36.97 -26.29
CA LEU A 71 7.83 -35.99 -25.25
C LEU A 71 8.55 -34.78 -25.82
N GLU A 72 9.46 -35.01 -26.77
CA GLU A 72 10.23 -33.91 -27.34
C GLU A 72 9.33 -32.98 -28.15
N SER A 73 8.44 -33.56 -28.97
CA SER A 73 7.48 -32.73 -29.69
C SER A 73 6.62 -31.93 -28.73
N GLN A 74 6.16 -32.58 -27.65
CA GLN A 74 5.41 -31.87 -26.63
C GLN A 74 6.21 -30.70 -26.07
N LEU A 75 7.51 -30.91 -25.84
CA LEU A 75 8.36 -29.84 -25.36
C LEU A 75 8.40 -28.68 -26.35
N GLN A 76 8.55 -28.98 -27.64
CA GLN A 76 8.62 -27.93 -28.65
C GLN A 76 7.31 -27.14 -28.70
N ALA A 77 6.18 -27.84 -28.74
CA ALA A 77 4.89 -27.16 -28.77
C ALA A 77 4.67 -26.34 -27.51
N THR A 78 5.09 -26.86 -26.36
CA THR A 78 4.95 -26.11 -25.11
C THR A 78 5.77 -24.83 -25.14
N GLN A 79 7.01 -24.93 -25.63
CA GLN A 79 7.83 -23.72 -25.78
C GLN A 79 7.18 -22.73 -26.72
N ALA A 80 6.62 -23.21 -27.83
CA ALA A 80 5.90 -22.33 -28.74
C ALA A 80 4.77 -21.61 -28.01
N ALA A 81 3.99 -22.34 -27.21
CA ALA A 81 2.96 -21.72 -26.40
C ALA A 81 3.54 -20.65 -25.49
N ARG A 82 4.62 -20.98 -24.78
CA ARG A 82 5.27 -20.01 -23.90
C ARG A 82 5.62 -18.73 -24.66
N LYS A 83 6.15 -18.86 -25.87
CA LYS A 83 6.53 -17.69 -26.63
C LYS A 83 5.31 -16.89 -27.08
N LEU A 84 4.22 -17.59 -27.42
CA LEU A 84 2.97 -16.87 -27.72
C LEU A 84 2.50 -16.07 -26.51
N LEU A 85 2.63 -16.64 -25.32
CA LEU A 85 2.09 -16.00 -24.12
C LEU A 85 3.02 -14.94 -23.53
N SER A 86 4.25 -14.80 -24.06
CA SER A 86 5.20 -13.82 -23.54
C SER A 86 5.51 -12.73 -24.55
N ARG A 87 4.66 -12.54 -25.54
CA ARG A 87 4.85 -11.46 -26.50
C ARG A 87 4.29 -10.16 -25.94
N GLU A 88 4.78 -9.04 -26.49
CA GLU A 88 4.39 -7.73 -26.00
C GLU A 88 2.88 -7.53 -26.09
N LYS A 89 2.33 -7.60 -27.30
CA LYS A 89 0.94 -7.22 -27.54
C LYS A 89 0.03 -8.43 -27.45
N GLN A 90 -1.00 -8.31 -26.62
CA GLN A 90 -2.15 -9.21 -26.59
C GLN A 90 -1.75 -10.68 -26.76
N PRO A 91 -1.33 -11.35 -25.69
CA PRO A 91 -1.09 -12.79 -25.78
C PRO A 91 -2.41 -13.54 -25.84
N PRO A 92 -2.50 -14.66 -26.68
CA PRO A 92 -3.77 -15.40 -26.84
C PRO A 92 -4.10 -16.29 -25.66
N ILE A 93 -4.25 -15.68 -24.48
CA ILE A 93 -4.54 -16.45 -23.27
C ILE A 93 -5.86 -17.21 -23.42
N ASP A 94 -6.91 -16.51 -23.84
CA ASP A 94 -8.22 -17.15 -23.94
C ASP A 94 -8.22 -18.26 -24.98
N ASN A 95 -7.47 -18.08 -26.07
CA ASN A 95 -7.40 -19.13 -27.09
C ASN A 95 -6.65 -20.35 -26.55
N ILE A 96 -5.58 -20.13 -25.78
CA ILE A 96 -4.85 -21.25 -25.19
C ILE A 96 -5.74 -22.00 -24.20
N ILE A 97 -6.50 -21.27 -23.39
CA ILE A 97 -7.38 -21.92 -22.43
C ILE A 97 -8.46 -22.71 -23.16
N ARG A 98 -9.06 -22.11 -24.18
CA ARG A 98 -10.14 -22.78 -24.91
C ARG A 98 -9.65 -24.05 -25.59
N ALA A 99 -8.38 -24.10 -25.97
CA ALA A 99 -7.81 -25.30 -26.58
C ALA A 99 -7.63 -26.44 -25.58
N GLY A 100 -7.89 -26.21 -24.30
CA GLY A 100 -7.79 -27.27 -23.30
C GLY A 100 -6.37 -27.64 -22.93
N LEU A 101 -5.43 -26.69 -23.03
CA LEU A 101 -4.02 -26.99 -22.83
C LEU A 101 -3.56 -26.92 -21.37
N ILE A 102 -4.35 -26.32 -20.48
CA ILE A 102 -3.91 -26.15 -19.09
C ILE A 102 -3.62 -27.50 -18.43
N PRO A 103 -4.51 -28.49 -18.49
CA PRO A 103 -4.19 -29.78 -17.85
C PRO A 103 -2.91 -30.41 -18.37
N LYS A 104 -2.64 -30.27 -19.68
CA LYS A 104 -1.40 -30.80 -20.23
C LYS A 104 -0.19 -30.12 -19.61
N PHE A 105 -0.22 -28.78 -19.52
CA PHE A 105 0.88 -28.05 -18.90
C PHE A 105 1.07 -28.49 -17.45
N VAL A 106 -0.02 -28.54 -16.69
CA VAL A 106 0.07 -28.99 -15.30
C VAL A 106 0.73 -30.36 -15.23
N SER A 107 0.35 -31.26 -16.13
CA SER A 107 0.98 -32.58 -16.15
CA SER A 107 0.98 -32.58 -16.16
C SER A 107 2.46 -32.50 -16.50
N PHE A 108 2.85 -31.52 -17.33
CA PHE A 108 4.26 -31.36 -17.66
C PHE A 108 5.04 -30.82 -16.47
N LEU A 109 4.39 -30.10 -15.56
CA LEU A 109 5.09 -29.60 -14.38
C LEU A 109 5.75 -30.74 -13.60
N GLY A 110 5.15 -31.93 -13.62
CA GLY A 110 5.64 -33.04 -12.83
C GLY A 110 6.60 -33.98 -13.53
N LYS A 111 7.09 -33.63 -14.72
CA LYS A 111 8.00 -34.49 -15.46
C LYS A 111 9.43 -34.18 -15.03
N THR A 112 9.83 -34.83 -13.94
CA THR A 112 11.16 -34.58 -13.36
C THR A 112 12.26 -34.91 -14.34
N ASP A 113 12.09 -35.96 -15.14
CA ASP A 113 13.13 -36.39 -16.07
C ASP A 113 13.29 -35.46 -17.26
N CYS A 114 12.44 -34.43 -17.39
CA CYS A 114 12.54 -33.48 -18.50
C CYS A 114 12.33 -32.08 -17.93
N SER A 115 13.37 -31.55 -17.28
CA SER A 115 13.25 -30.22 -16.69
C SER A 115 12.90 -29.13 -17.70
N PRO A 116 13.34 -29.19 -18.97
CA PRO A 116 12.94 -28.12 -19.90
C PRO A 116 11.44 -27.95 -20.04
N ILE A 117 10.69 -29.06 -20.16
CA ILE A 117 9.25 -28.92 -20.31
C ILE A 117 8.62 -28.46 -19.01
N GLN A 118 9.21 -28.83 -17.87
CA GLN A 118 8.79 -28.25 -16.60
C GLN A 118 8.90 -26.73 -16.64
N PHE A 119 10.03 -26.22 -17.13
CA PHE A 119 10.24 -24.78 -17.18
C PHE A 119 9.29 -24.11 -18.14
N GLU A 120 9.13 -24.66 -19.35
CA GLU A 120 8.25 -24.04 -20.34
C GLU A 120 6.80 -24.05 -19.88
N SER A 121 6.33 -25.17 -19.33
CA SER A 121 4.96 -25.23 -18.84
CA SER A 121 4.96 -25.23 -18.84
C SER A 121 4.78 -24.29 -17.65
N ALA A 122 5.77 -24.21 -16.77
CA ALA A 122 5.71 -23.29 -15.64
C ALA A 122 5.58 -21.86 -16.11
N TRP A 123 6.34 -21.49 -17.14
CA TRP A 123 6.30 -20.14 -17.68
C TRP A 123 4.94 -19.86 -18.34
N ALA A 124 4.46 -20.79 -19.16
CA ALA A 124 3.18 -20.60 -19.83
C ALA A 124 2.06 -20.44 -18.80
N LEU A 125 1.99 -21.35 -17.83
CA LEU A 125 0.95 -21.24 -16.80
C LEU A 125 1.12 -19.97 -16.00
N THR A 126 2.35 -19.55 -15.74
CA THR A 126 2.59 -18.28 -15.08
C THR A 126 1.91 -17.14 -15.84
N ASN A 127 2.13 -17.08 -17.15
CA ASN A 127 1.59 -15.97 -17.93
C ASN A 127 0.07 -16.05 -18.05
N ILE A 128 -0.49 -17.27 -18.13
CA ILE A 128 -1.94 -17.39 -18.09
C ILE A 128 -2.47 -16.84 -16.76
N ALA A 129 -1.88 -17.27 -15.66
CA ALA A 129 -2.34 -16.84 -14.34
C ALA A 129 -2.14 -15.36 -14.12
N SER A 130 -1.34 -14.68 -14.94
CA SER A 130 -1.13 -13.26 -14.80
C SER A 130 -2.29 -12.42 -15.34
N GLY A 131 -3.29 -13.05 -15.95
CA GLY A 131 -4.39 -12.32 -16.56
C GLY A 131 -5.56 -12.09 -15.63
N THR A 132 -6.78 -12.14 -16.18
CA THR A 132 -7.97 -11.87 -15.41
C THR A 132 -8.16 -12.92 -14.32
N SER A 133 -9.10 -12.64 -13.41
CA SER A 133 -9.44 -13.61 -12.38
C SER A 133 -9.98 -14.89 -12.97
N GLU A 134 -10.62 -14.83 -14.14
CA GLU A 134 -11.15 -16.03 -14.77
C GLU A 134 -10.03 -16.90 -15.31
N GLN A 135 -8.99 -16.28 -15.86
CA GLN A 135 -7.85 -17.04 -16.39
C GLN A 135 -7.03 -17.65 -15.26
N THR A 136 -6.75 -16.87 -14.22
CA THR A 136 -6.11 -17.42 -13.02
C THR A 136 -6.93 -18.58 -12.47
N LYS A 137 -8.26 -18.40 -12.41
CA LYS A 137 -9.12 -19.50 -11.97
C LYS A 137 -8.95 -20.72 -12.88
N ALA A 138 -8.75 -20.49 -14.17
CA ALA A 138 -8.51 -21.61 -15.08
C ALA A 138 -7.23 -22.34 -14.69
N VAL A 139 -6.18 -21.59 -14.34
CA VAL A 139 -4.93 -22.24 -13.93
C VAL A 139 -5.14 -23.02 -12.63
N VAL A 140 -5.85 -22.44 -11.67
CA VAL A 140 -6.05 -23.13 -10.39
C VAL A 140 -6.89 -24.39 -10.58
N ASP A 141 -7.97 -24.31 -11.37
CA ASP A 141 -8.83 -25.46 -11.59
C ASP A 141 -8.08 -26.64 -12.20
N GLY A 142 -6.98 -26.38 -12.90
CA GLY A 142 -6.16 -27.44 -13.44
C GLY A 142 -5.29 -28.18 -12.46
N GLY A 143 -5.33 -27.80 -11.18
CA GLY A 143 -4.49 -28.44 -10.18
C GLY A 143 -3.08 -27.93 -10.12
N ALA A 144 -2.84 -26.67 -10.52
CA ALA A 144 -1.49 -26.16 -10.67
C ALA A 144 -0.83 -25.81 -9.33
N ILE A 145 -1.61 -25.49 -8.30
CA ILE A 145 -1.06 -25.01 -7.04
C ILE A 145 -0.13 -26.06 -6.44
N PRO A 146 -0.60 -27.27 -6.13
CA PRO A 146 0.31 -28.27 -5.55
C PRO A 146 1.48 -28.60 -6.44
N ALA A 147 1.30 -28.53 -7.77
CA ALA A 147 2.41 -28.82 -8.68
C ALA A 147 3.50 -27.77 -8.56
N PHE A 148 3.12 -26.49 -8.55
CA PHE A 148 4.11 -25.43 -8.39
C PHE A 148 4.79 -25.51 -7.03
N ILE A 149 4.01 -25.75 -5.98
CA ILE A 149 4.62 -25.91 -4.67
C ILE A 149 5.64 -27.04 -4.69
N SER A 150 5.32 -28.13 -5.39
CA SER A 150 6.29 -29.21 -5.53
C SER A 150 7.53 -28.73 -6.27
N LEU A 151 7.36 -27.87 -7.28
CA LEU A 151 8.52 -27.36 -8.02
C LEU A 151 9.36 -26.39 -7.19
N LEU A 152 8.81 -25.83 -6.11
CA LEU A 152 9.61 -24.90 -5.31
C LEU A 152 10.91 -25.54 -4.84
N ALA A 153 10.94 -26.88 -4.71
CA ALA A 153 12.12 -27.59 -4.26
C ALA A 153 12.98 -28.10 -5.41
N SER A 154 12.77 -27.59 -6.62
CA SER A 154 13.51 -28.07 -7.77
C SER A 154 15.00 -27.76 -7.61
N PRO A 155 15.89 -28.67 -7.99
CA PRO A 155 17.32 -28.35 -7.99
C PRO A 155 17.71 -27.33 -9.04
N HIS A 156 16.81 -26.99 -9.96
CA HIS A 156 17.07 -25.99 -10.99
C HIS A 156 16.53 -24.65 -10.52
N ALA A 157 17.41 -23.65 -10.44
CA ALA A 157 17.03 -22.36 -9.87
C ALA A 157 15.95 -21.68 -10.71
N HIS A 158 16.04 -21.79 -12.04
CA HIS A 158 15.09 -21.08 -12.88
C HIS A 158 13.70 -21.70 -12.83
N ILE A 159 13.63 -23.02 -12.64
CA ILE A 159 12.33 -23.67 -12.49
C ILE A 159 11.69 -23.28 -11.17
N SER A 160 12.45 -23.38 -10.08
CA SER A 160 11.93 -22.95 -8.77
CA SER A 160 11.93 -22.95 -8.77
C SER A 160 11.48 -21.51 -8.81
N GLU A 161 12.28 -20.63 -9.41
CA GLU A 161 11.90 -19.23 -9.56
C GLU A 161 10.59 -19.11 -10.33
N GLN A 162 10.45 -19.86 -11.42
CA GLN A 162 9.22 -19.79 -12.19
C GLN A 162 8.02 -20.22 -11.36
N ALA A 163 8.19 -21.23 -10.50
CA ALA A 163 7.12 -21.63 -9.60
C ALA A 163 6.79 -20.52 -8.62
N VAL A 164 7.82 -19.87 -8.05
CA VAL A 164 7.59 -18.74 -7.17
C VAL A 164 6.75 -17.68 -7.87
N TRP A 165 7.07 -17.40 -9.14
CA TRP A 165 6.34 -16.38 -9.89
C TRP A 165 4.88 -16.79 -10.08
N ALA A 166 4.65 -18.02 -10.55
CA ALA A 166 3.29 -18.50 -10.76
C ALA A 166 2.47 -18.39 -9.48
N LEU A 167 3.00 -18.93 -8.38
CA LEU A 167 2.30 -18.81 -7.10
C LEU A 167 2.08 -17.36 -6.72
N GLY A 168 3.00 -16.48 -7.11
CA GLY A 168 2.80 -15.06 -6.85
C GLY A 168 1.59 -14.49 -7.57
N ASN A 169 1.39 -14.88 -8.83
CA ASN A 169 0.20 -14.43 -9.55
C ASN A 169 -1.07 -15.02 -8.94
N ILE A 170 -1.08 -16.35 -8.74
CA ILE A 170 -2.26 -17.02 -8.20
C ILE A 170 -2.66 -16.37 -6.88
N ALA A 171 -1.73 -16.32 -5.93
CA ALA A 171 -2.04 -15.71 -4.64
C ALA A 171 -2.39 -14.23 -4.79
N GLY A 172 -1.77 -13.55 -5.74
CA GLY A 172 -2.06 -12.15 -5.98
C GLY A 172 -3.44 -11.89 -6.55
N ASP A 173 -4.15 -12.92 -7.00
CA ASP A 173 -5.49 -12.72 -7.53
C ASP A 173 -6.43 -12.15 -6.46
N GLY A 174 -6.35 -12.64 -5.24
CA GLY A 174 -7.28 -12.20 -4.21
C GLY A 174 -7.17 -13.02 -2.95
N SER A 175 -8.03 -12.67 -1.99
CA SER A 175 -7.98 -13.30 -0.67
CA SER A 175 -7.96 -13.30 -0.67
C SER A 175 -8.22 -14.80 -0.75
N ALA A 176 -9.16 -15.21 -1.59
CA ALA A 176 -9.51 -16.64 -1.67
C ALA A 176 -8.32 -17.47 -2.16
N PHE A 177 -7.81 -17.14 -3.35
CA PHE A 177 -6.68 -17.91 -3.87
C PHE A 177 -5.44 -17.73 -3.00
N ARG A 178 -5.25 -16.56 -2.39
CA ARG A 178 -4.18 -16.39 -1.42
C ARG A 178 -4.28 -17.45 -0.33
N ASP A 179 -5.44 -17.52 0.32
CA ASP A 179 -5.63 -18.47 1.40
C ASP A 179 -5.53 -19.91 0.93
N LEU A 180 -5.88 -20.17 -0.34
CA LEU A 180 -5.79 -21.54 -0.85
C LEU A 180 -4.34 -21.93 -1.10
N VAL A 181 -3.55 -21.02 -1.66
CA VAL A 181 -2.11 -21.23 -1.77
C VAL A 181 -1.53 -21.53 -0.40
N ILE A 182 -1.94 -20.76 0.61
CA ILE A 182 -1.43 -20.98 1.96
C ILE A 182 -1.84 -22.35 2.46
N LYS A 183 -3.08 -22.76 2.19
CA LYS A 183 -3.56 -24.06 2.68
C LYS A 183 -2.79 -25.21 2.06
N HIS A 184 -2.33 -25.06 0.82
CA HIS A 184 -1.53 -26.11 0.18
C HIS A 184 -0.10 -26.16 0.71
N GLY A 185 0.29 -25.22 1.58
CA GLY A 185 1.57 -25.29 2.25
C GLY A 185 2.72 -24.66 1.49
N ALA A 186 2.50 -23.48 0.91
CA ALA A 186 3.55 -22.84 0.12
C ALA A 186 4.53 -22.07 0.98
N ILE A 187 4.10 -21.61 2.17
CA ILE A 187 4.94 -20.71 2.97
C ILE A 187 6.21 -21.41 3.42
N ASP A 188 6.11 -22.66 3.86
CA ASP A 188 7.30 -23.38 4.33
C ASP A 188 8.37 -23.45 3.25
N PRO A 189 8.13 -24.03 2.07
CA PRO A 189 9.18 -24.06 1.05
C PRO A 189 9.60 -22.68 0.56
N LEU A 190 8.64 -21.76 0.38
CA LEU A 190 8.99 -20.41 -0.03
C LEU A 190 10.02 -19.80 0.92
N LEU A 191 9.75 -19.85 2.22
CA LEU A 191 10.70 -19.29 3.19
C LEU A 191 11.98 -20.11 3.24
N ALA A 192 11.89 -21.41 3.05
CA ALA A 192 13.10 -22.23 3.00
C ALA A 192 14.05 -21.76 1.90
N LEU A 193 13.50 -21.26 0.79
CA LEU A 193 14.34 -20.73 -0.27
C LEU A 193 15.17 -19.53 0.18
N LEU A 194 14.74 -18.83 1.23
CA LEU A 194 15.44 -17.66 1.73
C LEU A 194 16.26 -17.94 2.98
N ALA A 195 16.32 -19.19 3.43
CA ALA A 195 17.05 -19.54 4.65
C ALA A 195 18.53 -19.71 4.30
N VAL A 196 19.20 -18.57 4.14
CA VAL A 196 20.64 -18.55 3.89
C VAL A 196 21.28 -17.55 4.85
N PRO A 197 22.58 -17.71 5.13
CA PRO A 197 23.23 -16.76 6.03
C PRO A 197 23.19 -15.32 5.53
N ASP A 198 23.39 -15.12 4.23
CA ASP A 198 23.47 -13.78 3.67
C ASP A 198 22.66 -13.75 2.38
N LEU A 199 21.61 -12.92 2.35
CA LEU A 199 20.76 -12.81 1.17
C LEU A 199 21.52 -12.38 -0.07
N SER A 200 22.66 -11.69 0.10
CA SER A 200 23.40 -11.20 -1.06
CA SER A 200 23.41 -11.20 -1.05
C SER A 200 23.94 -12.32 -1.94
N THR A 201 24.00 -13.55 -1.42
CA THR A 201 24.48 -14.67 -2.23
C THR A 201 23.44 -15.16 -3.22
N LEU A 202 22.18 -14.77 -3.06
CA LEU A 202 21.14 -15.16 -3.99
C LEU A 202 21.11 -14.19 -5.18
N ALA A 203 20.67 -14.70 -6.31
CA ALA A 203 20.55 -13.87 -7.50
C ALA A 203 19.54 -12.74 -7.25
N CYS A 204 19.81 -11.59 -7.88
CA CYS A 204 18.96 -10.42 -7.64
C CYS A 204 17.52 -10.69 -8.06
N GLY A 205 17.32 -11.19 -9.28
CA GLY A 205 15.97 -11.44 -9.76
C GLY A 205 15.26 -12.50 -8.93
N TYR A 206 15.99 -13.55 -8.55
CA TYR A 206 15.42 -14.58 -7.69
C TYR A 206 14.88 -13.97 -6.40
N LEU A 207 15.71 -13.23 -5.69
CA LEU A 207 15.29 -12.61 -4.44
C LEU A 207 14.13 -11.65 -4.67
N ARG A 208 14.16 -10.91 -5.77
CA ARG A 208 13.08 -9.96 -6.06
C ARG A 208 11.75 -10.68 -6.25
N ASN A 209 11.76 -11.80 -6.99
CA ASN A 209 10.52 -12.54 -7.19
C ASN A 209 10.02 -13.14 -5.90
N LEU A 210 10.93 -13.72 -5.10
CA LEU A 210 10.50 -14.24 -3.79
C LEU A 210 9.86 -13.16 -2.94
N THR A 211 10.53 -12.00 -2.82
CA THR A 211 9.97 -10.90 -2.04
C THR A 211 8.60 -10.50 -2.55
N TRP A 212 8.45 -10.39 -3.87
CA TRP A 212 7.17 -9.99 -4.45
C TRP A 212 6.07 -10.99 -4.12
N THR A 213 6.33 -12.28 -4.34
CA THR A 213 5.34 -13.30 -4.02
C THR A 213 4.94 -13.24 -2.56
N LEU A 214 5.93 -13.14 -1.66
CA LEU A 214 5.62 -13.01 -0.24
C LEU A 214 4.73 -11.81 0.01
N SER A 215 5.01 -10.68 -0.65
CA SER A 215 4.19 -9.50 -0.46
C SER A 215 2.76 -9.74 -0.92
N ASN A 216 2.57 -10.55 -1.98
CA ASN A 216 1.22 -10.90 -2.38
C ASN A 216 0.55 -11.81 -1.34
N LEU A 217 1.33 -12.66 -0.65
CA LEU A 217 0.74 -13.46 0.42
C LEU A 217 0.33 -12.60 1.60
N CYS A 218 0.86 -11.38 1.72
CA CYS A 218 0.46 -10.44 2.76
C CYS A 218 -0.63 -9.48 2.31
N ARG A 219 -1.01 -9.52 1.04
CA ARG A 219 -1.88 -8.52 0.44
C ARG A 219 -3.35 -8.90 0.59
N ASN A 220 -4.22 -7.92 0.33
CA ASN A 220 -5.67 -8.12 0.28
C ASN A 220 -6.29 -8.27 1.66
N LYS A 221 -7.56 -7.92 1.78
CA LYS A 221 -8.30 -8.02 3.04
C LYS A 221 -9.65 -8.69 2.78
N ASN A 222 -10.51 -8.71 3.80
CA ASN A 222 -11.84 -9.28 3.67
C ASN A 222 -11.78 -10.69 3.09
N PRO A 223 -11.12 -11.62 3.79
CA PRO A 223 -10.39 -11.41 5.04
C PRO A 223 -8.91 -11.11 4.83
N ALA A 224 -8.25 -10.60 5.87
CA ALA A 224 -6.81 -10.45 5.84
C ALA A 224 -6.17 -11.83 5.88
N PRO A 225 -4.86 -11.91 5.66
CA PRO A 225 -4.21 -13.22 5.69
C PRO A 225 -4.34 -13.84 7.06
N PRO A 226 -4.28 -15.17 7.15
CA PRO A 226 -4.37 -15.81 8.47
C PRO A 226 -3.25 -15.36 9.39
N LEU A 227 -3.61 -15.12 10.65
CA LEU A 227 -2.64 -14.64 11.64
C LEU A 227 -1.42 -15.54 11.70
N ASP A 228 -1.63 -16.86 11.76
CA ASP A 228 -0.50 -17.79 11.84
C ASP A 228 0.42 -17.63 10.64
N ALA A 229 -0.13 -17.42 9.45
CA ALA A 229 0.70 -17.23 8.27
C ALA A 229 1.49 -15.93 8.36
N VAL A 230 0.87 -14.86 8.85
CA VAL A 230 1.57 -13.59 8.99
C VAL A 230 2.70 -13.71 9.99
N GLU A 231 2.46 -14.39 11.12
CA GLU A 231 3.54 -14.63 12.07
C GLU A 231 4.65 -15.45 11.46
N GLN A 232 4.28 -16.43 10.61
CA GLN A 232 5.27 -17.27 9.97
C GLN A 232 6.11 -16.49 8.97
N ILE A 233 5.53 -15.48 8.33
CA ILE A 233 6.24 -14.74 7.29
C ILE A 233 7.00 -13.55 7.84
N LEU A 234 6.58 -13.00 8.97
CA LEU A 234 7.09 -11.70 9.41
C LEU A 234 8.60 -11.70 9.62
N PRO A 235 9.22 -12.69 10.26
CA PRO A 235 10.69 -12.63 10.44
C PRO A 235 11.45 -12.46 9.14
N THR A 236 11.20 -13.34 8.17
CA THR A 236 11.84 -13.20 6.87
C THR A 236 11.57 -11.82 6.28
N LEU A 237 10.36 -11.31 6.49
CA LEU A 237 10.03 -9.98 5.97
CA LEU A 237 10.02 -9.98 5.99
C LEU A 237 10.91 -8.91 6.63
N VAL A 238 11.19 -9.06 7.93
CA VAL A 238 12.09 -8.14 8.60
C VAL A 238 13.49 -8.25 8.01
N ARG A 239 13.92 -9.47 7.71
CA ARG A 239 15.25 -9.66 7.12
CA ARG A 239 15.24 -9.67 7.12
C ARG A 239 15.34 -8.98 5.77
N LEU A 240 14.32 -9.15 4.93
CA LEU A 240 14.31 -8.50 3.62
C LEU A 240 14.24 -6.99 3.76
N LEU A 241 13.57 -6.50 4.81
CA LEU A 241 13.46 -5.06 5.01
C LEU A 241 14.80 -4.40 5.28
N HIS A 242 15.86 -5.18 5.50
CA HIS A 242 17.21 -4.65 5.71
C HIS A 242 18.13 -4.95 4.54
N HIS A 243 17.61 -5.51 3.45
CA HIS A 243 18.42 -5.79 2.27
C HIS A 243 18.73 -4.49 1.53
N ASN A 244 19.77 -4.53 0.70
CA ASN A 244 20.27 -3.34 0.02
C ASN A 244 19.71 -3.16 -1.38
N ASP A 245 18.82 -4.04 -1.84
CA ASP A 245 18.27 -3.88 -3.18
C ASP A 245 17.03 -2.98 -3.13
N PRO A 246 16.94 -1.96 -4.00
CA PRO A 246 15.77 -1.06 -3.91
C PRO A 246 14.44 -1.76 -4.13
N GLU A 247 14.38 -2.75 -5.02
CA GLU A 247 13.11 -3.41 -5.30
C GLU A 247 12.71 -4.33 -4.14
N VAL A 248 13.67 -5.02 -3.53
CA VAL A 248 13.37 -5.81 -2.35
C VAL A 248 12.84 -4.92 -1.23
N LEU A 249 13.43 -3.73 -1.07
CA LEU A 249 12.98 -2.81 -0.04
C LEU A 249 11.59 -2.26 -0.33
N ALA A 250 11.33 -1.90 -1.59
CA ALA A 250 10.01 -1.41 -1.96
C ALA A 250 8.95 -2.48 -1.71
N ASP A 251 9.19 -3.71 -2.17
CA ASP A 251 8.20 -4.76 -2.01
C ASP A 251 8.04 -5.15 -0.54
N SER A 252 9.12 -5.11 0.26
CA SER A 252 9.00 -5.39 1.68
C SER A 252 8.18 -4.31 2.38
N CYS A 253 8.42 -3.04 2.05
CA CYS A 253 7.61 -1.97 2.62
C CYS A 253 6.15 -2.10 2.21
N TRP A 254 5.90 -2.52 0.96
CA TRP A 254 4.52 -2.77 0.54
C TRP A 254 3.89 -3.88 1.38
N ALA A 255 4.61 -4.97 1.59
CA ALA A 255 4.08 -6.05 2.41
C ALA A 255 3.77 -5.58 3.82
N ILE A 256 4.69 -4.83 4.43
CA ILE A 256 4.44 -4.29 5.77
C ILE A 256 3.22 -3.38 5.75
N SER A 257 3.05 -2.61 4.67
CA SER A 257 1.91 -1.71 4.59
C SER A 257 0.60 -2.48 4.48
N TYR A 258 0.62 -3.61 3.78
CA TYR A 258 -0.53 -4.50 3.77
C TYR A 258 -0.82 -5.01 5.18
N LEU A 259 0.21 -5.50 5.87
CA LEU A 259 0.00 -6.06 7.19
C LEU A 259 -0.42 -5.01 8.22
N THR A 260 -0.12 -3.74 7.99
CA THR A 260 -0.52 -2.67 8.91
C THR A 260 -1.86 -2.06 8.55
N ASP A 261 -2.45 -2.44 7.42
CA ASP A 261 -3.76 -1.93 7.03
C ASP A 261 -4.83 -2.83 7.64
N GLY A 262 -5.16 -2.54 8.90
CA GLY A 262 -6.13 -3.32 9.62
C GLY A 262 -6.27 -2.92 11.07
N PRO A 263 -6.96 -3.74 11.85
CA PRO A 263 -7.18 -3.42 13.28
C PRO A 263 -5.86 -3.32 14.03
N ASN A 264 -5.95 -2.76 15.23
CA ASN A 264 -4.76 -2.50 16.03
C ASN A 264 -3.99 -3.77 16.36
N GLU A 265 -4.63 -4.94 16.32
CA GLU A 265 -3.93 -6.17 16.64
C GLU A 265 -2.92 -6.52 15.55
N ARG A 266 -3.29 -6.35 14.29
CA ARG A 266 -2.32 -6.57 13.20
C ARG A 266 -1.18 -5.56 13.29
N ILE A 267 -1.53 -4.27 13.38
CA ILE A 267 -0.51 -3.24 13.59
C ILE A 267 0.43 -3.67 14.69
N GLU A 268 -0.10 -4.24 15.77
CA GLU A 268 0.74 -4.67 16.88
C GLU A 268 1.64 -5.82 16.47
N MET A 269 1.11 -6.78 15.70
CA MET A 269 1.95 -7.85 15.18
C MET A 269 3.17 -7.28 14.48
N VAL A 270 2.98 -6.23 13.67
CA VAL A 270 4.10 -5.66 12.94
C VAL A 270 5.03 -4.89 13.89
N VAL A 271 4.46 -3.96 14.66
CA VAL A 271 5.27 -3.06 15.48
C VAL A 271 6.09 -3.85 16.48
N LYS A 272 5.55 -4.94 17.01
CA LYS A 272 6.28 -5.73 17.99
C LYS A 272 7.57 -6.30 17.42
N LYS A 273 7.66 -6.47 16.10
CA LYS A 273 8.89 -6.93 15.48
C LYS A 273 9.96 -5.85 15.43
N GLY A 274 9.65 -4.62 15.85
CA GLY A 274 10.66 -3.57 15.91
C GLY A 274 11.07 -2.99 14.58
N VAL A 275 10.18 -2.99 13.59
CA VAL A 275 10.52 -2.50 12.25
C VAL A 275 10.32 -1.00 12.08
N VAL A 276 9.71 -0.33 13.06
CA VAL A 276 9.39 1.10 12.90
C VAL A 276 10.63 1.92 12.60
N PRO A 277 11.73 1.81 13.36
CA PRO A 277 12.93 2.59 13.02
C PRO A 277 13.37 2.39 11.57
N GLN A 278 13.42 1.14 11.11
CA GLN A 278 13.78 0.87 9.72
C GLN A 278 12.79 1.52 8.77
N LEU A 279 11.50 1.53 9.13
CA LEU A 279 10.50 2.15 8.28
C LEU A 279 10.73 3.66 8.18
N VAL A 280 11.16 4.30 9.26
CA VAL A 280 11.49 5.71 9.21
C VAL A 280 12.71 5.95 8.33
N LYS A 281 13.77 5.16 8.57
CA LYS A 281 14.96 5.24 7.72
C LYS A 281 14.58 5.20 6.25
N LEU A 282 13.84 4.16 5.84
CA LEU A 282 13.42 4.06 4.45
C LEU A 282 12.51 5.21 4.07
N LEU A 283 11.75 5.75 5.03
CA LEU A 283 10.94 6.93 4.77
C LEU A 283 11.82 8.09 4.31
N GLY A 284 13.06 8.13 4.78
CA GLY A 284 14.00 9.13 4.31
C GLY A 284 14.75 8.79 3.04
N ALA A 285 14.38 7.72 2.35
CA ALA A 285 15.12 7.29 1.17
C ALA A 285 14.92 8.25 0.00
N THR A 286 15.83 8.18 -0.96
CA THR A 286 15.74 8.99 -2.16
C THR A 286 14.86 8.38 -3.24
N GLU A 287 14.68 7.07 -3.22
CA GLU A 287 13.87 6.38 -4.23
C GLU A 287 12.40 6.48 -3.84
N LEU A 288 11.63 7.22 -4.65
CA LEU A 288 10.19 7.31 -4.42
C LEU A 288 9.52 5.95 -4.32
N PRO A 289 9.88 4.93 -5.11
CA PRO A 289 9.26 3.60 -4.93
C PRO A 289 9.47 3.02 -3.54
N ILE A 290 10.43 3.53 -2.77
CA ILE A 290 10.60 3.12 -1.39
C ILE A 290 9.84 4.04 -0.45
N VAL A 291 9.92 5.35 -0.67
CA VAL A 291 9.28 6.31 0.22
C VAL A 291 7.77 6.09 0.24
N THR A 292 7.18 5.83 -0.94
CA THR A 292 5.73 5.64 -1.01
C THR A 292 5.25 4.53 -0.10
N PRO A 293 5.72 3.28 -0.24
CA PRO A 293 5.22 2.23 0.65
C PRO A 293 5.60 2.43 2.11
N ALA A 294 6.79 2.98 2.37
CA ALA A 294 7.19 3.27 3.75
C ALA A 294 6.25 4.28 4.38
N LEU A 295 5.92 5.34 3.64
CA LEU A 295 5.00 6.35 4.16
C LEU A 295 3.63 5.75 4.40
N ARG A 296 3.15 4.91 3.47
CA ARG A 296 1.86 4.26 3.68
C ARG A 296 1.88 3.41 4.95
N ALA A 297 2.97 2.66 5.17
CA ALA A 297 3.09 1.86 6.38
C ALA A 297 3.03 2.74 7.62
N ILE A 298 3.83 3.81 7.66
CA ILE A 298 3.84 4.69 8.82
C ILE A 298 2.43 5.23 9.09
N GLY A 299 1.76 5.72 8.04
CA GLY A 299 0.40 6.21 8.22
C GLY A 299 -0.52 5.16 8.82
N ASN A 300 -0.50 3.96 8.24
CA ASN A 300 -1.30 2.86 8.77
C ASN A 300 -1.02 2.65 10.25
N ILE A 301 0.26 2.63 10.63
CA ILE A 301 0.63 2.40 12.02
C ILE A 301 0.04 3.48 12.91
N VAL A 302 0.12 4.74 12.48
CA VAL A 302 -0.40 5.83 13.30
C VAL A 302 -1.91 5.95 13.26
N THR A 303 -2.59 5.12 12.46
CA THR A 303 -4.04 4.98 12.63
C THR A 303 -4.41 4.15 13.84
N GLY A 304 -3.44 3.54 14.52
CA GLY A 304 -3.70 2.68 15.64
C GLY A 304 -3.80 3.41 16.97
N THR A 305 -3.33 2.76 18.02
CA THR A 305 -3.40 3.35 19.36
C THR A 305 -2.37 4.48 19.48
N ASP A 306 -2.50 5.24 20.56
CA ASP A 306 -1.55 6.32 20.83
C ASP A 306 -0.16 5.80 21.16
N GLU A 307 -0.07 4.55 21.66
CA GLU A 307 1.25 3.99 21.98
C GLU A 307 2.01 3.60 20.72
N GLN A 308 1.31 3.02 19.74
CA GLN A 308 1.95 2.69 18.47
C GLN A 308 2.39 3.95 17.73
N THR A 309 1.48 4.92 17.61
CA THR A 309 1.86 6.24 17.10
C THR A 309 3.09 6.75 17.82
N GLN A 310 3.10 6.63 19.15
CA GLN A 310 4.24 7.10 19.92
C GLN A 310 5.52 6.37 19.53
N LYS A 311 5.43 5.08 19.19
CA LYS A 311 6.61 4.38 18.70
C LYS A 311 7.07 4.94 17.36
N VAL A 312 6.13 5.41 16.54
CA VAL A 312 6.51 6.08 15.30
C VAL A 312 7.24 7.39 15.61
N ILE A 313 6.76 8.13 16.60
CA ILE A 313 7.36 9.42 16.93
C ILE A 313 8.75 9.23 17.53
N ASP A 314 8.91 8.24 18.41
CA ASP A 314 10.19 8.01 19.05
C ASP A 314 11.26 7.65 18.02
N ALA A 315 10.87 7.04 16.90
CA ALA A 315 11.82 6.67 15.87
C ALA A 315 12.32 7.85 15.06
N GLY A 316 11.77 9.04 15.27
CA GLY A 316 12.21 10.23 14.57
C GLY A 316 11.42 10.58 13.33
N ALA A 317 10.23 9.99 13.15
CA ALA A 317 9.50 10.15 11.90
C ALA A 317 9.22 11.62 11.60
N LEU A 318 8.85 12.40 12.62
CA LEU A 318 8.44 13.79 12.38
C LEU A 318 9.54 14.59 11.68
N ALA A 319 10.81 14.31 12.01
CA ALA A 319 11.90 15.06 11.40
C ALA A 319 11.91 14.96 9.89
N VAL A 320 11.21 13.96 9.32
CA VAL A 320 11.19 13.78 7.87
C VAL A 320 10.07 14.55 7.20
N PHE A 321 9.11 15.06 7.96
CA PHE A 321 7.89 15.57 7.36
C PHE A 321 8.03 16.98 6.78
N PRO A 322 9.00 17.80 7.19
CA PRO A 322 9.24 19.05 6.46
C PRO A 322 9.41 18.81 4.97
N SER A 323 10.13 17.76 4.59
CA SER A 323 10.30 17.43 3.17
CA SER A 323 10.30 17.44 3.17
CA SER A 323 10.30 17.44 3.17
C SER A 323 9.05 16.78 2.60
N LEU A 324 8.51 15.77 3.31
CA LEU A 324 7.33 15.07 2.84
C LEU A 324 6.17 16.03 2.59
N LEU A 325 5.96 16.98 3.51
CA LEU A 325 4.85 17.92 3.36
C LEU A 325 5.11 18.96 2.27
N THR A 326 6.31 19.02 1.71
CA THR A 326 6.60 19.84 0.54
C THR A 326 7.05 18.99 -0.64
N ASN A 327 6.89 17.67 -0.56
CA ASN A 327 7.37 16.79 -1.62
C ASN A 327 6.71 17.16 -2.95
N PRO A 328 7.47 17.19 -4.05
CA PRO A 328 6.87 17.56 -5.34
C PRO A 328 5.86 16.55 -5.86
N LYS A 329 5.89 15.31 -5.38
CA LYS A 329 4.90 14.31 -5.80
C LYS A 329 3.63 14.50 -4.98
N THR A 330 2.52 14.68 -5.68
CA THR A 330 1.25 14.97 -5.02
C THR A 330 0.90 13.89 -4.00
N ASN A 331 1.02 12.61 -4.38
CA ASN A 331 0.59 11.54 -3.49
C ASN A 331 1.43 11.49 -2.22
N ILE A 332 2.71 11.82 -2.29
CA ILE A 332 3.53 11.89 -1.09
C ILE A 332 3.01 12.96 -0.15
N GLN A 333 2.72 14.14 -0.70
CA GLN A 333 2.17 15.22 0.13
C GLN A 333 0.85 14.80 0.77
N LYS A 334 -0.04 14.20 -0.03
CA LYS A 334 -1.35 13.81 0.49
C LYS A 334 -1.21 12.79 1.60
N GLU A 335 -0.43 11.73 1.36
CA GLU A 335 -0.26 10.68 2.37
C GLU A 335 0.43 11.21 3.62
N ALA A 336 1.38 12.13 3.46
CA ALA A 336 2.06 12.71 4.62
C ALA A 336 1.11 13.57 5.43
N THR A 337 0.23 14.33 4.76
CA THR A 337 -0.74 15.14 5.48
C THR A 337 -1.79 14.28 6.17
N TRP A 338 -2.16 13.16 5.55
CA TRP A 338 -3.06 12.21 6.18
C TRP A 338 -2.43 11.60 7.43
N THR A 339 -1.16 11.18 7.33
CA THR A 339 -0.42 10.71 8.49
C THR A 339 -0.42 11.77 9.59
N MET A 340 -0.07 13.00 9.24
CA MET A 340 -0.08 14.09 10.21
C MET A 340 -1.43 14.22 10.88
N SER A 341 -2.52 14.15 10.10
CA SER A 341 -3.85 14.26 10.66
C SER A 341 -4.11 13.12 11.64
N ASN A 342 -3.54 11.95 11.40
CA ASN A 342 -3.66 10.86 12.36
C ASN A 342 -2.74 11.01 13.56
N ILE A 343 -1.74 11.89 13.49
CA ILE A 343 -0.92 12.20 14.65
C ILE A 343 -1.56 13.28 15.51
N THR A 344 -2.03 14.36 14.89
CA THR A 344 -2.67 15.43 15.64
C THR A 344 -3.98 15.00 16.29
N ALA A 345 -4.49 13.82 15.96
CA ALA A 345 -5.66 13.27 16.61
C ALA A 345 -5.31 12.50 17.88
N GLY A 346 -4.04 12.53 18.30
CA GLY A 346 -3.57 11.78 19.44
C GLY A 346 -3.49 12.62 20.70
N ARG A 347 -2.56 12.25 21.58
CA ARG A 347 -2.44 12.90 22.88
C ARG A 347 -1.89 14.32 22.72
N GLN A 348 -1.97 15.07 23.81
CA GLN A 348 -1.50 16.45 23.79
C GLN A 348 0.02 16.52 23.77
N ASP A 349 0.71 15.57 24.40
CA ASP A 349 2.16 15.53 24.30
C ASP A 349 2.60 15.22 22.87
N GLN A 350 1.80 14.46 22.13
CA GLN A 350 2.12 14.17 20.74
C GLN A 350 1.85 15.37 19.84
N ILE A 351 0.71 16.04 20.03
CA ILE A 351 0.50 17.32 19.37
C ILE A 351 1.67 18.24 19.66
N GLN A 352 2.17 18.23 20.91
CA GLN A 352 3.31 19.05 21.26
C GLN A 352 4.56 18.59 20.53
N GLN A 353 4.67 17.30 20.23
CA GLN A 353 5.79 16.85 19.40
C GLN A 353 5.67 17.39 17.99
N VAL A 354 4.45 17.43 17.45
CA VAL A 354 4.22 18.07 16.15
C VAL A 354 4.66 19.51 16.19
N VAL A 355 4.30 20.22 17.27
CA VAL A 355 4.66 21.63 17.39
C VAL A 355 6.17 21.81 17.45
N ASN A 356 6.84 21.00 18.28
CA ASN A 356 8.28 21.18 18.49
C ASN A 356 9.06 21.00 17.21
N HIS A 357 8.61 20.10 16.32
CA HIS A 357 9.31 19.85 15.07
C HIS A 357 9.03 20.94 14.03
N GLY A 358 8.27 21.97 14.37
CA GLY A 358 7.98 23.03 13.43
C GLY A 358 7.08 22.62 12.29
N LEU A 359 6.18 21.66 12.51
CA LEU A 359 5.33 21.16 11.45
C LEU A 359 4.03 21.94 11.29
N VAL A 360 3.65 22.75 12.28
CA VAL A 360 2.46 23.58 12.12
C VAL A 360 2.60 24.53 10.94
N PRO A 361 3.71 25.25 10.77
CA PRO A 361 3.85 26.09 9.57
C PRO A 361 3.71 25.31 8.28
N PHE A 362 4.20 24.07 8.24
CA PHE A 362 4.04 23.27 7.03
C PHE A 362 2.58 22.91 6.79
N LEU A 363 1.83 22.66 7.85
CA LEU A 363 0.39 22.44 7.69
C LEU A 363 -0.30 23.71 7.19
N VAL A 364 0.10 24.87 7.69
CA VAL A 364 -0.44 26.12 7.17
C VAL A 364 -0.11 26.24 5.68
N GLY A 365 1.09 25.81 5.29
CA GLY A 365 1.47 25.89 3.89
C GLY A 365 0.61 24.99 3.02
N VAL A 366 0.47 23.73 3.41
CA VAL A 366 -0.36 22.81 2.64
C VAL A 366 -1.79 23.31 2.57
N LEU A 367 -2.32 23.82 3.67
CA LEU A 367 -3.66 24.37 3.67
C LEU A 367 -3.77 25.58 2.75
N SER A 368 -2.66 26.32 2.59
CA SER A 368 -2.68 27.51 1.75
C SER A 368 -2.60 27.17 0.26
N LYS A 369 -1.76 26.19 -0.10
CA LYS A 369 -1.54 25.86 -1.50
C LYS A 369 -1.15 24.40 -1.61
N ALA A 370 -1.99 23.61 -2.27
CA ALA A 370 -1.73 22.20 -2.51
C ALA A 370 -2.87 21.64 -3.33
N ASP A 371 -2.71 20.40 -3.78
CA ASP A 371 -3.81 19.68 -4.40
C ASP A 371 -4.98 19.61 -3.42
N PHE A 372 -6.21 19.71 -3.96
CA PHE A 372 -7.36 19.87 -3.09
C PHE A 372 -7.49 18.75 -2.09
N LYS A 373 -7.23 17.51 -2.51
CA LYS A 373 -7.33 16.38 -1.58
C LYS A 373 -6.32 16.53 -0.44
N THR A 374 -5.10 16.94 -0.78
CA THR A 374 -4.11 17.23 0.26
C THR A 374 -4.61 18.32 1.20
N GLN A 375 -5.27 19.35 0.64
CA GLN A 375 -5.84 20.40 1.47
C GLN A 375 -6.91 19.86 2.39
N LYS A 376 -7.68 18.87 1.94
CA LYS A 376 -8.71 18.26 2.77
C LYS A 376 -8.09 17.50 3.93
N GLU A 377 -7.05 16.71 3.64
CA GLU A 377 -6.32 16.05 4.72
C GLU A 377 -5.75 17.08 5.70
N ALA A 378 -5.29 18.22 5.19
CA ALA A 378 -4.80 19.28 6.06
C ALA A 378 -5.90 19.81 6.96
N ALA A 379 -7.09 20.04 6.40
CA ALA A 379 -8.22 20.48 7.20
C ALA A 379 -8.53 19.48 8.30
N TRP A 380 -8.53 18.18 7.97
CA TRP A 380 -8.72 17.16 8.99
C TRP A 380 -7.66 17.29 10.08
N ALA A 381 -6.39 17.38 9.69
CA ALA A 381 -5.33 17.53 10.68
C ALA A 381 -5.58 18.72 11.60
N ILE A 382 -6.06 19.83 11.04
CA ILE A 382 -6.30 21.02 11.83
C ILE A 382 -7.45 20.78 12.81
N THR A 383 -8.53 20.16 12.35
CA THR A 383 -9.68 19.94 13.23
C THR A 383 -9.33 18.98 14.36
N ASN A 384 -8.54 17.94 14.06
CA ASN A 384 -8.09 17.04 15.13
C ASN A 384 -7.19 17.78 16.11
N TYR A 385 -6.24 18.57 15.59
CA TYR A 385 -5.39 19.41 16.42
C TYR A 385 -6.22 20.24 17.39
N THR A 386 -7.18 21.00 16.86
CA THR A 386 -7.99 21.88 17.70
C THR A 386 -8.89 21.09 18.65
N SER A 387 -9.28 19.88 18.25
CA SER A 387 -10.14 19.07 19.11
C SER A 387 -9.38 18.57 20.33
N GLY A 388 -8.17 18.06 20.14
CA GLY A 388 -7.42 17.47 21.22
C GLY A 388 -6.41 18.40 21.86
N GLY A 389 -6.16 19.55 21.22
CA GLY A 389 -5.09 20.41 21.67
C GLY A 389 -5.45 21.25 22.88
N THR A 390 -4.41 21.78 23.52
CA THR A 390 -4.57 22.70 24.64
C THR A 390 -4.87 24.10 24.12
N VAL A 391 -5.24 24.99 25.05
CA VAL A 391 -5.47 26.38 24.68
C VAL A 391 -4.20 26.99 24.11
N GLU A 392 -3.05 26.72 24.75
CA GLU A 392 -1.79 27.28 24.27
C GLU A 392 -1.50 26.79 22.85
N GLN A 393 -1.76 25.51 22.58
CA GLN A 393 -1.45 24.95 21.27
C GLN A 393 -2.38 25.50 20.20
N ILE A 394 -3.65 25.76 20.53
CA ILE A 394 -4.55 26.38 19.57
C ILE A 394 -4.15 27.82 19.31
N VAL A 395 -3.83 28.56 20.37
CA VAL A 395 -3.31 29.92 20.20
C VAL A 395 -2.13 29.90 19.25
N TYR A 396 -1.17 29.00 19.50
CA TYR A 396 -0.02 28.88 18.60
C TYR A 396 -0.47 28.58 17.18
N LEU A 397 -1.48 27.73 17.03
CA LEU A 397 -2.01 27.43 15.70
C LEU A 397 -2.48 28.70 15.00
N VAL A 398 -3.17 29.58 15.72
CA VAL A 398 -3.62 30.83 15.10
C VAL A 398 -2.43 31.74 14.81
N HIS A 399 -1.44 31.77 15.70
CA HIS A 399 -0.27 32.62 15.50
C HIS A 399 0.53 32.21 14.28
N CYS A 400 0.40 30.97 13.81
CA CYS A 400 1.08 30.54 12.60
C CYS A 400 0.33 30.93 11.33
N GLY A 401 -0.88 31.48 11.45
CA GLY A 401 -1.60 31.95 10.29
C GLY A 401 -2.59 30.98 9.70
N ILE A 402 -3.24 30.16 10.52
CA ILE A 402 -4.16 29.17 9.99
C ILE A 402 -5.46 29.82 9.52
N ILE A 403 -5.86 30.92 10.17
CA ILE A 403 -7.20 31.46 9.98
C ILE A 403 -7.48 31.77 8.51
N GLU A 404 -6.59 32.54 7.88
CA GLU A 404 -6.87 32.99 6.51
C GLU A 404 -7.03 31.83 5.55
N PRO A 405 -6.06 30.91 5.39
CA PRO A 405 -6.28 29.79 4.47
C PRO A 405 -7.48 28.94 4.86
N LEU A 406 -7.67 28.73 6.17
CA LEU A 406 -8.85 28.00 6.63
C LEU A 406 -10.13 28.64 6.10
N MET A 407 -10.20 29.97 6.10
CA MET A 407 -11.38 30.67 5.58
C MET A 407 -11.45 30.50 4.06
N ASN A 408 -10.35 30.72 3.36
CA ASN A 408 -10.36 30.59 1.90
C ASN A 408 -10.91 29.23 1.49
N LEU A 409 -10.62 28.19 2.27
CA LEU A 409 -11.13 26.86 1.92
C LEU A 409 -12.63 26.71 2.12
N LEU A 410 -13.33 27.73 2.65
CA LEU A 410 -14.77 27.64 2.80
C LEU A 410 -15.50 27.87 1.49
N SER A 411 -14.82 28.43 0.48
CA SER A 411 -15.42 28.58 -0.83
C SER A 411 -15.38 27.30 -1.66
N ALA A 412 -14.86 26.21 -1.09
CA ALA A 412 -14.84 24.94 -1.81
C ALA A 412 -16.23 24.35 -1.88
N LYS A 413 -16.45 23.52 -2.91
CA LYS A 413 -17.75 22.89 -3.12
C LYS A 413 -17.93 21.64 -2.28
N ASP A 414 -16.84 21.04 -1.81
CA ASP A 414 -16.95 19.85 -0.97
C ASP A 414 -17.63 20.20 0.34
N THR A 415 -18.75 19.53 0.63
CA THR A 415 -19.47 19.80 1.86
C THR A 415 -18.66 19.39 3.08
N LYS A 416 -18.04 18.21 3.04
CA LYS A 416 -17.42 17.68 4.25
C LYS A 416 -16.24 18.54 4.69
N ILE A 417 -15.46 19.09 3.75
CA ILE A 417 -14.37 19.97 4.15
C ILE A 417 -14.92 21.22 4.81
N ILE A 418 -16.09 21.69 4.37
CA ILE A 418 -16.72 22.83 5.01
C ILE A 418 -17.12 22.48 6.45
N GLN A 419 -17.69 21.29 6.64
CA GLN A 419 -18.03 20.85 7.99
C GLN A 419 -16.79 20.80 8.86
N VAL A 420 -15.73 20.12 8.39
CA VAL A 420 -14.48 20.01 9.13
C VAL A 420 -13.96 21.38 9.52
N ILE A 421 -13.95 22.30 8.56
CA ILE A 421 -13.45 23.65 8.80
C ILE A 421 -14.28 24.32 9.89
N LEU A 422 -15.61 24.24 9.78
CA LEU A 422 -16.47 24.90 10.75
C LEU A 422 -16.28 24.32 12.14
N ASP A 423 -16.03 23.02 12.24
CA ASP A 423 -15.69 22.43 13.54
C ASP A 423 -14.40 23.02 14.08
N ALA A 424 -13.37 23.12 13.23
CA ALA A 424 -12.12 23.73 13.65
C ALA A 424 -12.36 25.14 14.19
N ILE A 425 -13.13 25.94 13.44
CA ILE A 425 -13.45 27.31 13.87
C ILE A 425 -14.14 27.28 15.23
N SER A 426 -15.12 26.39 15.40
CA SER A 426 -15.80 26.27 16.67
C SER A 426 -14.81 26.03 17.80
N ASN A 427 -13.89 25.09 17.61
CA ASN A 427 -12.92 24.78 18.66
C ASN A 427 -12.04 25.98 18.98
N ILE A 428 -11.50 26.64 17.94
CA ILE A 428 -10.67 27.81 18.17
C ILE A 428 -11.45 28.86 18.96
N PHE A 429 -12.71 29.08 18.59
CA PHE A 429 -13.54 30.04 19.31
C PHE A 429 -13.72 29.61 20.76
N GLN A 430 -13.81 28.31 21.02
CA GLN A 430 -13.89 27.85 22.41
C GLN A 430 -12.63 28.23 23.17
N ALA A 431 -11.46 28.01 22.57
CA ALA A 431 -10.22 28.43 23.22
C ALA A 431 -10.23 29.93 23.49
N ALA A 432 -10.70 30.72 22.52
CA ALA A 432 -10.76 32.16 22.72
C ALA A 432 -11.67 32.53 23.89
N GLU A 433 -12.84 31.88 23.96
CA GLU A 433 -13.72 32.06 25.11
C GLU A 433 -12.99 31.78 26.40
N LYS A 434 -12.24 30.68 26.45
CA LYS A 434 -11.44 30.36 27.64
C LYS A 434 -10.36 31.40 27.89
N LEU A 435 -10.01 32.21 26.88
CA LEU A 435 -9.08 33.32 27.07
C LEU A 435 -9.75 34.68 27.03
N GLY A 436 -11.08 34.74 26.80
CA GLY A 436 -11.74 36.02 26.68
C GLY A 436 -11.29 36.83 25.49
N GLU A 437 -10.76 36.18 24.46
CA GLU A 437 -10.21 36.84 23.28
C GLU A 437 -11.09 36.65 22.05
N THR A 438 -12.37 36.34 22.25
CA THR A 438 -13.24 35.97 21.13
C THR A 438 -13.38 37.13 20.15
N GLU A 439 -13.47 38.36 20.66
CA GLU A 439 -13.65 39.51 19.77
C GLU A 439 -12.52 39.61 18.77
N LYS A 440 -11.27 39.50 19.24
CA LYS A 440 -10.12 39.62 18.36
C LYS A 440 -10.17 38.55 17.26
N LEU A 441 -10.61 37.34 17.61
CA LEU A 441 -10.73 36.29 16.61
C LEU A 441 -11.81 36.61 15.60
N SER A 442 -12.98 37.08 16.08
CA SER A 442 -14.03 37.50 15.16
C SER A 442 -13.51 38.56 14.20
N ILE A 443 -12.70 39.49 14.69
CA ILE A 443 -12.11 40.52 13.83
C ILE A 443 -11.19 39.88 12.81
N MET A 444 -10.35 38.94 13.24
CA MET A 444 -9.48 38.24 12.31
C MET A 444 -10.29 37.62 11.17
N ILE A 445 -11.35 36.88 11.52
CA ILE A 445 -12.16 36.22 10.50
C ILE A 445 -12.85 37.25 9.62
N GLU A 446 -13.18 38.41 10.17
CA GLU A 446 -13.89 39.43 9.41
C GLU A 446 -12.98 40.17 8.43
N GLU A 447 -11.70 40.35 8.79
CA GLU A 447 -10.78 41.10 7.95
C GLU A 447 -10.32 40.33 6.73
N CYS A 448 -10.37 38.99 6.76
CA CYS A 448 -9.94 38.17 5.64
C CYS A 448 -11.11 37.62 4.84
N GLY A 449 -12.31 38.15 5.04
CA GLY A 449 -13.47 37.72 4.28
C GLY A 449 -14.11 36.44 4.76
N GLY A 450 -13.71 35.93 5.93
CA GLY A 450 -14.31 34.70 6.43
C GLY A 450 -15.75 34.89 6.88
N LEU A 451 -16.04 36.02 7.52
CA LEU A 451 -17.39 36.29 7.99
C LEU A 451 -18.39 36.24 6.84
N ASP A 452 -18.03 36.83 5.70
CA ASP A 452 -18.89 36.75 4.52
C ASP A 452 -19.18 35.29 4.16
N LYS A 453 -18.15 34.45 4.17
CA LYS A 453 -18.33 33.06 3.77
C LYS A 453 -19.22 32.30 4.75
N ILE A 454 -19.02 32.51 6.05
CA ILE A 454 -19.86 31.84 7.04
C ILE A 454 -21.31 32.29 6.90
N GLU A 455 -21.53 33.60 6.91
CA GLU A 455 -22.87 34.15 6.72
C GLU A 455 -23.52 33.56 5.47
N ALA A 456 -22.74 33.39 4.40
CA ALA A 456 -23.28 32.77 3.20
C ALA A 456 -23.60 31.29 3.42
N LEU A 457 -22.78 30.61 4.22
CA LEU A 457 -23.04 29.21 4.53
C LEU A 457 -24.32 29.02 5.32
N GLN A 458 -24.78 30.07 6.01
CA GLN A 458 -26.12 30.01 6.60
C GLN A 458 -27.18 29.63 5.57
N ARG A 459 -26.96 30.00 4.30
CA ARG A 459 -27.87 29.64 3.22
C ARG A 459 -27.48 28.33 2.55
N HIS A 460 -26.52 27.59 3.11
CA HIS A 460 -26.11 26.33 2.51
C HIS A 460 -27.20 25.27 2.71
N GLU A 461 -27.37 24.42 1.70
CA GLU A 461 -28.46 23.46 1.72
C GLU A 461 -28.23 22.35 2.74
N ASN A 462 -26.98 21.99 3.02
CA ASN A 462 -26.71 20.94 4.00
C ASN A 462 -27.16 21.39 5.38
N GLU A 463 -27.75 20.46 6.13
CA GLU A 463 -28.27 20.76 7.46
C GLU A 463 -27.16 21.21 8.40
N SER A 464 -26.23 20.30 8.70
CA SER A 464 -25.21 20.59 9.70
C SER A 464 -24.39 21.81 9.33
N VAL A 465 -24.19 22.06 8.04
CA VAL A 465 -23.43 23.23 7.61
C VAL A 465 -24.10 24.51 8.09
N TYR A 466 -25.33 24.74 7.64
CA TYR A 466 -26.01 25.99 7.97
C TYR A 466 -26.33 26.06 9.46
N LYS A 467 -26.48 24.90 10.12
CA LYS A 467 -26.59 24.89 11.58
C LYS A 467 -25.33 25.48 12.21
N ALA A 468 -24.17 24.87 11.93
CA ALA A 468 -22.92 25.33 12.52
C ALA A 468 -22.66 26.80 12.19
N SER A 469 -22.87 27.20 10.94
CA SER A 469 -22.62 28.58 10.55
C SER A 469 -23.55 29.53 11.30
N LEU A 470 -24.85 29.20 11.37
CA LEU A 470 -25.78 30.02 12.14
C LEU A 470 -25.30 30.16 13.58
N ASN A 471 -24.92 29.05 14.20
CA ASN A 471 -24.43 29.09 15.59
C ASN A 471 -23.23 30.02 15.71
N LEU A 472 -22.26 29.88 14.80
CA LEU A 472 -21.08 30.75 14.84
C LEU A 472 -21.46 32.21 14.74
N ILE A 473 -22.32 32.54 13.77
CA ILE A 473 -22.76 33.92 13.59
C ILE A 473 -23.39 34.45 14.87
N GLU A 474 -24.47 33.80 15.32
CA GLU A 474 -25.23 34.33 16.45
C GLU A 474 -24.44 34.31 17.75
N LYS A 475 -23.38 33.50 17.83
CA LYS A 475 -22.63 33.38 19.08
C LYS A 475 -21.35 34.22 19.10
N TYR A 476 -20.81 34.59 17.95
CA TYR A 476 -19.56 35.33 17.91
C TYR A 476 -19.56 36.52 16.96
N PHE A 477 -20.64 36.74 16.20
CA PHE A 477 -20.71 37.83 15.23
C PHE A 477 -22.06 38.54 15.39
N SER A 478 -22.23 39.22 16.52
CA SER A 478 -23.45 39.95 16.80
C SER A 478 -23.14 41.40 17.18
N PHE B 6 -1.94 -0.62 -7.51
CA PHE B 6 -1.26 -1.16 -8.67
C PHE B 6 -1.49 -2.67 -8.79
N PRO B 7 -1.47 -3.19 -10.01
CA PRO B 7 -1.80 -4.62 -10.20
C PRO B 7 -0.85 -5.54 -9.46
N ALA B 8 -1.39 -6.66 -8.99
CA ALA B 8 -0.63 -7.63 -8.21
C ALA B 8 -0.05 -8.75 -9.04
N LYS B 9 -0.45 -8.89 -10.31
CA LYS B 9 0.04 -9.95 -11.17
C LYS B 9 1.09 -9.43 -12.13
N LYS B 10 2.02 -10.30 -12.51
CA LYS B 10 3.10 -9.97 -13.43
C LYS B 10 3.14 -10.98 -14.56
N MET B 11 3.12 -10.48 -15.79
CA MET B 11 3.31 -11.32 -16.97
C MET B 11 4.80 -11.33 -17.31
N LYS B 12 5.36 -12.52 -17.48
CA LYS B 12 6.78 -12.65 -17.81
C LYS B 12 6.94 -12.48 -19.32
N VAL B 13 7.54 -11.36 -19.72
CA VAL B 13 7.73 -11.05 -21.13
C VAL B 13 9.11 -11.52 -21.58
#